data_9GAQ
#
_entry.id   9GAQ
#
_cell.length_a   1.00
_cell.length_b   1.00
_cell.length_c   1.00
_cell.angle_alpha   90.00
_cell.angle_beta   90.00
_cell.angle_gamma   90.00
#
_symmetry.space_group_name_H-M   'P 1'
#
loop_
_entity.id
_entity.type
_entity.pdbx_description
1 polymer "RNA (5'-P(UC)7-FAM3')"
2 polymer Nucleoprotein
#
loop_
_entity_poly.entity_id
_entity_poly.type
_entity_poly.pdbx_seq_one_letter_code
_entity_poly.pdbx_strand_id
1 'polyribonucleotide' UCUCUCUCUCUCUC C,D
2 'polypeptide(L)'
;HMTDGERQNATEIRASVGKMIDGIGRFYIQMCTELKLSDYEGRLIQNSLTIERMVLSAFDERRNKYLEEHPSAGKDPKKT
GGPIYRRVDGKWRRELILYDKEEIRRIWRQANNGDDATAGLTHMMIWHSNLNDATYQRTRALVRTGMDPRMCSLMQGSTL
PRRSGAAGAAVKGVGTMVMELIRMIKRGINDRNFWRGENGRRTRIAYERMCNILKGKFQTAAQRTMVDQVRESRNPGNAE
FEDLIFLARSALILRGSVAHKSCLPACVYGSAVASGYDFEREGYSLVGIDPFRLLQNSQVYSLIRPNENPAHKSQLVWMA
CHSAAFEDLRVSSFIRGTKVVPRGKLSTRGVQIASNENMETMESSTLELRSRYWAIRTRSGGNTNQQRASSGQISIQPTF
SVQRNLPFDRPTIMAAFTGNTEGRTSDMRTEIIRLMESARPEDVSFQGRGVFELSDEKATSPIVPSFDMSNEGSYFFGDN
AEEYDNLEHHHHHH
;
B,A
#
loop_
_chem_comp.id
_chem_comp.type
_chem_comp.name
_chem_comp.formula
C RNA linking CYTIDINE-5'-MONOPHOSPHATE 'C9 H14 N3 O8 P'
U RNA linking URIDINE-5'-MONOPHOSPHATE 'C9 H13 N2 O9 P'
#
# COMPACT_ATOMS: atom_id res chain seq x y z
N SER C 391 -20.10 -5.08 -12.01
CA SER C 391 -19.29 -3.87 -12.07
C SER C 391 -17.80 -4.20 -12.02
N GLY C 392 -16.98 -3.20 -11.70
CA GLY C 392 -15.55 -3.41 -11.60
C GLY C 392 -14.82 -2.09 -11.52
N GLN C 393 -13.49 -2.19 -11.57
CA GLN C 393 -12.62 -1.03 -11.62
C GLN C 393 -12.96 -0.17 -12.85
N ILE C 394 -12.87 1.15 -12.68
CA ILE C 394 -13.30 2.03 -13.77
C ILE C 394 -12.17 2.85 -14.36
N SER C 395 -11.60 3.78 -13.60
CA SER C 395 -10.80 4.76 -14.31
C SER C 395 -9.31 4.51 -14.30
N ILE C 396 -8.62 4.92 -13.23
CA ILE C 396 -7.15 4.64 -13.11
C ILE C 396 -6.58 5.29 -11.84
N GLN C 397 -5.45 4.79 -11.35
CA GLN C 397 -4.76 5.42 -10.20
C GLN C 397 -3.31 5.66 -10.61
N PRO C 398 -2.97 6.83 -11.19
CA PRO C 398 -1.61 7.07 -11.70
C PRO C 398 -0.51 6.82 -10.66
N THR C 399 0.27 5.75 -10.84
CA THR C 399 1.39 5.50 -9.94
C THR C 399 2.72 5.92 -10.53
N PHE C 400 2.96 5.62 -11.81
CA PHE C 400 4.22 5.93 -12.46
C PHE C 400 4.11 7.20 -13.28
N SER C 401 5.21 7.95 -13.34
CA SER C 401 5.24 9.23 -14.06
C SER C 401 5.55 8.96 -15.53
N VAL C 402 4.53 8.44 -16.23
CA VAL C 402 4.62 8.15 -17.65
C VAL C 402 3.45 8.81 -18.36
N GLN C 403 3.72 9.37 -19.54
CA GLN C 403 2.66 9.98 -20.33
C GLN C 403 1.65 8.92 -20.76
N ARG C 404 0.37 9.25 -20.64
CA ARG C 404 -0.69 8.27 -20.86
C ARG C 404 -1.99 9.00 -21.15
N ASN C 405 -3.04 8.22 -21.41
CA ASN C 405 -4.40 8.73 -21.63
C ASN C 405 -5.31 7.97 -20.65
N LEU C 406 -5.50 8.55 -19.47
CA LEU C 406 -6.21 7.96 -18.35
C LEU C 406 -7.64 7.63 -18.76
N PRO C 407 -7.98 6.35 -18.91
CA PRO C 407 -9.29 6.00 -19.48
C PRO C 407 -10.38 5.96 -18.41
N PHE C 408 -11.59 6.37 -18.81
CA PHE C 408 -12.78 6.24 -17.98
C PHE C 408 -13.91 5.65 -18.80
N ASP C 409 -14.93 5.13 -18.10
CA ASP C 409 -16.08 4.47 -18.77
C ASP C 409 -17.33 5.32 -18.61
N ARG C 410 -17.49 6.35 -19.44
CA ARG C 410 -18.63 7.26 -19.39
C ARG C 410 -20.02 6.64 -19.42
N PRO C 411 -20.32 5.58 -20.21
CA PRO C 411 -21.70 5.06 -20.23
C PRO C 411 -22.32 4.79 -18.87
N THR C 412 -21.54 4.81 -17.81
CA THR C 412 -22.07 4.69 -16.45
C THR C 412 -21.58 5.76 -15.48
N ILE C 413 -20.37 6.30 -15.66
CA ILE C 413 -19.87 7.26 -14.67
C ILE C 413 -20.48 8.64 -14.89
N MET C 414 -20.59 9.07 -16.16
CA MET C 414 -21.12 10.40 -16.44
C MET C 414 -22.59 10.50 -16.04
N ALA C 415 -23.35 9.43 -16.26
CA ALA C 415 -24.78 9.43 -15.98
C ALA C 415 -25.11 9.50 -14.51
N ALA C 416 -24.15 9.29 -13.61
CA ALA C 416 -24.41 9.37 -12.18
C ALA C 416 -23.41 10.30 -11.50
N ASP D 4 17.36 26.07 -5.83
CA ASP D 4 17.50 24.66 -5.48
C ASP D 4 18.36 24.46 -4.24
N GLY D 5 17.81 24.82 -3.08
CA GLY D 5 18.50 24.60 -1.83
C GLY D 5 18.05 23.31 -1.16
N GLU D 6 17.34 22.47 -1.91
CA GLU D 6 16.79 21.22 -1.32
C GLU D 6 17.86 20.13 -1.34
N ARG D 7 18.94 20.31 -2.10
CA ARG D 7 19.94 19.24 -2.21
C ARG D 7 20.38 18.75 -0.84
N GLN D 8 20.63 19.66 0.09
CA GLN D 8 20.95 19.24 1.45
C GLN D 8 19.77 18.50 2.08
N ASN D 9 18.56 19.05 1.92
CA ASN D 9 17.38 18.39 2.47
C ASN D 9 17.13 17.04 1.81
N ALA D 10 17.28 16.96 0.49
CA ALA D 10 17.11 15.69 -0.21
C ALA D 10 18.13 14.67 0.24
N THR D 11 19.39 15.09 0.41
CA THR D 11 20.42 14.18 0.88
C THR D 11 20.13 13.71 2.30
N GLU D 12 19.64 14.60 3.16
CA GLU D 12 19.28 14.19 4.52
C GLU D 12 18.15 13.17 4.51
N ILE D 13 17.13 13.40 3.68
CA ILE D 13 16.02 12.45 3.61
C ILE D 13 16.49 11.12 3.05
N ARG D 14 17.38 11.15 2.06
CA ARG D 14 17.94 9.92 1.51
C ARG D 14 18.72 9.16 2.57
N ALA D 15 19.51 9.86 3.37
CA ALA D 15 20.26 9.22 4.45
C ALA D 15 19.31 8.62 5.48
N SER D 16 18.25 9.34 5.82
CA SER D 16 17.30 8.83 6.82
C SER D 16 16.59 7.57 6.33
N VAL D 17 16.11 7.58 5.09
CA VAL D 17 15.42 6.41 4.57
C VAL D 17 16.40 5.24 4.41
N GLY D 18 17.65 5.53 4.01
CA GLY D 18 18.64 4.47 3.95
C GLY D 18 18.93 3.88 5.32
N LYS D 19 18.99 4.71 6.35
CA LYS D 19 19.19 4.22 7.70
C LYS D 19 18.03 3.34 8.13
N MET D 20 16.79 3.74 7.82
CA MET D 20 15.64 2.91 8.18
C MET D 20 15.68 1.58 7.44
N ILE D 21 16.04 1.59 6.16
CA ILE D 21 16.13 0.35 5.39
C ILE D 21 17.21 -0.55 5.94
N ASP D 22 18.36 0.01 6.30
CA ASP D 22 19.45 -0.76 6.89
C ASP D 22 19.03 -1.37 8.22
N GLY D 23 18.32 -0.60 9.04
CA GLY D 23 17.82 -1.14 10.30
C GLY D 23 16.86 -2.29 10.08
N ILE D 24 15.95 -2.15 9.13
CA ILE D 24 15.02 -3.24 8.81
C ILE D 24 15.78 -4.48 8.36
N GLY D 25 16.77 -4.30 7.49
CA GLY D 25 17.52 -5.44 6.99
C GLY D 25 18.29 -6.16 8.08
N ARG D 26 18.97 -5.40 8.94
CA ARG D 26 19.72 -6.01 10.03
C ARG D 26 18.77 -6.68 11.03
N PHE D 27 17.59 -6.10 11.26
CA PHE D 27 16.61 -6.73 12.14
C PHE D 27 16.15 -8.07 11.57
N TYR D 28 15.88 -8.11 10.26
CA TYR D 28 15.48 -9.37 9.65
C TYR D 28 16.61 -10.39 9.71
N ILE D 29 17.86 -9.94 9.55
CA ILE D 29 19.00 -10.84 9.67
C ILE D 29 19.07 -11.42 11.07
N GLN D 30 18.88 -10.58 12.09
CA GLN D 30 18.89 -11.05 13.47
C GLN D 30 17.79 -12.07 13.70
N MET D 31 16.58 -11.78 13.20
CA MET D 31 15.46 -12.70 13.41
C MET D 31 15.71 -14.03 12.71
N CYS D 32 16.25 -14.00 11.50
CA CYS D 32 16.59 -15.23 10.79
C CYS D 32 17.67 -16.02 11.51
N THR D 33 18.68 -15.31 12.04
CA THR D 33 19.76 -15.99 12.75
C THR D 33 19.24 -16.67 14.01
N GLU D 34 18.35 -15.99 14.74
CA GLU D 34 17.86 -16.53 16.00
C GLU D 34 16.84 -17.63 15.77
N LEU D 35 16.07 -17.56 14.68
CA LEU D 35 15.03 -18.55 14.41
C LEU D 35 15.54 -19.77 13.67
N LYS D 36 16.82 -19.78 13.28
CA LYS D 36 17.46 -20.96 12.68
C LYS D 36 16.77 -21.41 11.40
N LEU D 37 16.80 -20.55 10.39
CA LEU D 37 16.36 -20.90 9.05
C LEU D 37 17.55 -20.84 8.10
N SER D 38 17.56 -21.75 7.13
CA SER D 38 18.64 -21.77 6.15
C SER D 38 18.50 -20.59 5.19
N ASP D 39 19.42 -20.53 4.21
CA ASP D 39 19.36 -19.46 3.23
C ASP D 39 18.07 -19.55 2.40
N TYR D 40 17.67 -20.77 2.02
CA TYR D 40 16.43 -20.94 1.28
C TYR D 40 15.22 -20.59 2.15
N GLU D 41 15.19 -21.07 3.39
CA GLU D 41 14.06 -20.80 4.26
C GLU D 41 13.97 -19.33 4.63
N GLY D 42 15.12 -18.67 4.81
CA GLY D 42 15.11 -17.26 5.14
C GLY D 42 14.65 -16.36 4.01
N ARG D 43 14.70 -16.85 2.77
CA ARG D 43 14.27 -16.08 1.61
C ARG D 43 12.81 -16.29 1.26
N LEU D 44 12.08 -17.06 2.06
CA LEU D 44 10.66 -17.26 1.81
C LEU D 44 9.89 -15.98 2.10
N ILE D 45 8.99 -15.61 1.19
CA ILE D 45 8.18 -14.42 1.40
C ILE D 45 7.17 -14.65 2.53
N GLN D 46 6.71 -15.90 2.68
CA GLN D 46 5.79 -16.19 3.78
C GLN D 46 6.47 -16.00 5.14
N ASN D 47 7.72 -16.45 5.27
CA ASN D 47 8.44 -16.26 6.52
C ASN D 47 8.70 -14.79 6.79
N SER D 48 9.05 -14.02 5.76
CA SER D 48 9.25 -12.59 5.95
C SER D 48 7.96 -11.90 6.36
N LEU D 49 6.83 -12.30 5.76
CA LEU D 49 5.55 -11.74 6.15
C LEU D 49 5.21 -12.10 7.59
N THR D 50 5.52 -13.34 8.00
CA THR D 50 5.29 -13.74 9.38
C THR D 50 6.12 -12.90 10.34
N ILE D 51 7.39 -12.65 10.00
CA ILE D 51 8.24 -11.81 10.84
C ILE D 51 7.71 -10.39 10.90
N GLU D 52 7.24 -9.87 9.76
CA GLU D 52 6.67 -8.53 9.75
C GLU D 52 5.44 -8.44 10.65
N ARG D 53 4.58 -9.45 10.59
CA ARG D 53 3.42 -9.49 11.50
C ARG D 53 3.87 -9.61 12.94
N MET D 54 4.95 -10.36 13.20
CA MET D 54 5.55 -10.40 14.53
C MET D 54 5.82 -8.99 15.04
N VAL D 55 6.55 -8.21 14.24
CA VAL D 55 6.93 -6.86 14.67
C VAL D 55 5.71 -5.98 14.84
N LEU D 56 4.77 -6.04 13.89
CA LEU D 56 3.61 -5.17 13.94
C LEU D 56 2.73 -5.47 15.14
N SER D 57 2.52 -6.75 15.44
CA SER D 57 1.72 -7.11 16.61
C SER D 57 2.45 -6.82 17.91
N ALA D 58 3.78 -6.91 17.90
CA ALA D 58 4.54 -6.60 19.11
C ALA D 58 4.40 -5.14 19.50
N PHE D 59 4.41 -4.23 18.53
CA PHE D 59 4.43 -2.80 18.80
C PHE D 59 3.06 -2.14 18.75
N ASP D 60 1.99 -2.91 18.58
CA ASP D 60 0.64 -2.35 18.56
C ASP D 60 0.24 -2.07 20.00
N GLU D 61 0.42 -0.82 20.43
CA GLU D 61 0.20 -0.48 21.84
C GLU D 61 -1.26 -0.65 22.24
N ARG D 62 -2.18 -0.15 21.42
CA ARG D 62 -3.59 -0.25 21.76
C ARG D 62 -4.04 -1.72 21.79
N ARG D 63 -3.60 -2.51 20.80
CA ARG D 63 -3.94 -3.92 20.79
C ARG D 63 -3.33 -4.64 21.98
N ASN D 64 -2.09 -4.30 22.33
CA ASN D 64 -1.46 -4.92 23.49
C ASN D 64 -2.23 -4.61 24.76
N LYS D 65 -2.64 -3.36 24.95
CA LYS D 65 -3.40 -3.01 26.15
C LYS D 65 -4.76 -3.71 26.16
N TYR D 66 -5.41 -3.78 24.99
CA TYR D 66 -6.69 -4.46 24.88
C TYR D 66 -6.55 -5.93 25.30
N LEU D 67 -5.52 -6.60 24.79
CA LEU D 67 -5.31 -8.00 25.15
C LEU D 67 -4.92 -8.16 26.62
N GLU D 68 -4.17 -7.20 27.17
CA GLU D 68 -3.82 -7.26 28.58
C GLU D 68 -5.05 -7.17 29.47
N GLU D 69 -5.94 -6.23 29.19
CA GLU D 69 -6.98 -5.93 30.16
C GLU D 69 -8.31 -6.61 29.83
N HIS D 70 -8.51 -7.01 28.57
CA HIS D 70 -9.37 -8.16 28.23
C HIS D 70 -8.50 -9.30 27.74
N PRO D 71 -8.27 -10.33 28.57
CA PRO D 71 -7.51 -11.50 28.09
C PRO D 71 -8.29 -12.27 27.05
N SER D 72 -7.55 -12.95 26.17
CA SER D 72 -8.16 -13.76 25.13
C SER D 72 -8.51 -15.15 25.67
N ALA D 73 -9.07 -15.99 24.81
CA ALA D 73 -9.49 -17.33 25.18
C ALA D 73 -8.37 -18.31 24.82
N GLY D 74 -7.63 -18.75 25.82
CA GLY D 74 -6.55 -19.70 25.63
C GLY D 74 -5.32 -19.14 24.93
N LYS D 75 -5.30 -17.85 24.62
CA LYS D 75 -4.18 -17.20 23.97
C LYS D 75 -3.71 -16.08 24.88
N ASP D 76 -2.50 -16.20 25.42
CA ASP D 76 -2.02 -15.20 26.35
C ASP D 76 -1.75 -13.88 25.62
N PRO D 77 -1.94 -12.75 26.30
CA PRO D 77 -1.64 -11.45 25.71
C PRO D 77 -0.18 -11.06 25.73
N LYS D 78 0.70 -12.00 26.09
CA LYS D 78 2.10 -11.69 26.33
C LYS D 78 2.99 -12.14 25.16
N LYS D 79 2.56 -13.15 24.41
CA LYS D 79 3.37 -13.73 23.34
C LYS D 79 2.63 -13.63 22.01
N THR D 80 3.39 -13.72 20.92
CA THR D 80 2.86 -13.71 19.57
C THR D 80 3.14 -15.03 18.87
N GLY D 81 2.40 -15.28 17.79
CA GLY D 81 2.59 -16.46 16.98
C GLY D 81 2.56 -16.11 15.51
N GLY D 82 3.01 -17.04 14.68
CA GLY D 82 3.03 -16.85 13.25
C GLY D 82 3.49 -18.10 12.52
N PRO D 83 2.99 -18.30 11.30
CA PRO D 83 3.36 -19.50 10.54
C PRO D 83 4.82 -19.45 10.11
N ILE D 84 5.53 -20.55 10.35
CA ILE D 84 6.92 -20.69 9.96
C ILE D 84 7.05 -21.94 9.12
N TYR D 85 7.68 -21.83 7.96
CA TYR D 85 7.83 -22.94 7.02
C TYR D 85 9.30 -23.30 6.91
N ARG D 86 9.62 -24.57 7.15
CA ARG D 86 10.98 -25.06 7.10
C ARG D 86 11.04 -26.32 6.25
N ARG D 87 12.21 -26.57 5.66
CA ARG D 87 12.39 -27.66 4.72
C ARG D 87 13.44 -28.63 5.24
N VAL D 88 13.04 -29.89 5.41
CA VAL D 88 13.98 -30.99 5.63
C VAL D 88 13.56 -32.13 4.73
N ASP D 89 14.53 -32.78 4.08
CA ASP D 89 14.29 -33.83 3.10
C ASP D 89 13.50 -33.32 1.91
N GLY D 90 13.52 -32.00 1.69
CA GLY D 90 12.92 -31.38 0.53
C GLY D 90 11.45 -31.04 0.66
N LYS D 91 10.83 -31.35 1.79
CA LYS D 91 9.39 -31.18 1.95
C LYS D 91 9.09 -30.06 2.94
N TRP D 92 8.11 -29.23 2.59
CA TRP D 92 7.69 -28.08 3.38
C TRP D 92 6.64 -28.49 4.41
N ARG D 93 6.79 -27.96 5.63
CA ARG D 93 5.80 -28.10 6.67
C ARG D 93 5.67 -26.78 7.42
N ARG D 94 4.52 -26.58 8.05
CA ARG D 94 4.24 -25.38 8.82
C ARG D 94 4.19 -25.72 10.30
N GLU D 95 4.93 -24.97 11.11
CA GLU D 95 4.91 -25.11 12.55
C GLU D 95 4.78 -23.73 13.19
N LEU D 96 4.10 -23.68 14.33
CA LEU D 96 3.78 -22.43 15.00
C LEU D 96 4.80 -22.17 16.09
N ILE D 97 5.45 -21.01 16.04
CA ILE D 97 6.42 -20.63 17.04
C ILE D 97 5.79 -19.63 18.00
N LEU D 98 6.29 -19.63 19.24
CA LEU D 98 5.81 -18.72 20.28
C LEU D 98 6.98 -17.87 20.73
N TYR D 99 6.90 -16.56 20.50
CA TYR D 99 7.97 -15.63 20.84
C TYR D 99 7.43 -14.48 21.67
N ASP D 100 8.26 -14.01 22.60
CA ASP D 100 7.85 -12.97 23.52
C ASP D 100 7.73 -11.63 22.79
N LYS D 101 6.63 -10.91 23.04
CA LYS D 101 6.51 -9.56 22.52
C LYS D 101 7.63 -8.67 23.04
N GLU D 102 8.00 -8.82 24.31
CA GLU D 102 9.11 -8.07 24.86
C GLU D 102 10.42 -8.40 24.15
N GLU D 103 10.65 -9.68 23.85
CA GLU D 103 11.86 -10.06 23.14
C GLU D 103 11.89 -9.47 21.73
N ILE D 104 10.74 -9.50 21.03
CA ILE D 104 10.68 -8.92 19.69
C ILE D 104 10.96 -7.41 19.75
N ARG D 105 10.38 -6.73 20.74
CA ARG D 105 10.61 -5.30 20.88
C ARG D 105 12.07 -5.01 21.19
N ARG D 106 12.69 -5.81 22.07
CA ARG D 106 14.10 -5.61 22.38
C ARG D 106 14.98 -5.83 21.16
N ILE D 107 14.68 -6.85 20.36
CA ILE D 107 15.44 -7.10 19.14
C ILE D 107 15.28 -5.93 18.17
N TRP D 108 14.05 -5.41 18.03
CA TRP D 108 13.82 -4.28 17.14
C TRP D 108 14.60 -3.05 17.60
N ARG D 109 14.58 -2.77 18.90
CA ARG D 109 15.32 -1.62 19.43
C ARG D 109 16.82 -1.79 19.23
N GLN D 110 17.34 -2.99 19.50
CA GLN D 110 18.78 -3.23 19.35
C GLN D 110 19.20 -3.10 17.90
N ALA D 111 18.38 -3.60 16.96
CA ALA D 111 18.72 -3.54 15.55
C ALA D 111 18.69 -2.12 15.02
N ASN D 112 18.09 -1.19 15.77
CA ASN D 112 18.01 0.21 15.36
C ASN D 112 18.81 1.13 16.30
N ASN D 113 19.91 0.63 16.86
CA ASN D 113 20.78 1.42 17.72
C ASN D 113 20.02 1.99 18.92
N GLY D 114 19.14 1.17 19.49
CA GLY D 114 18.38 1.62 20.64
C GLY D 114 17.33 2.66 20.35
N ASP D 115 16.86 2.75 19.11
CA ASP D 115 15.86 3.73 18.72
C ASP D 115 14.60 2.98 18.32
N ASP D 116 13.44 3.55 18.64
CA ASP D 116 12.18 2.90 18.32
C ASP D 116 12.03 2.73 16.80
N ALA D 117 12.36 3.76 16.04
CA ALA D 117 12.32 3.74 14.58
C ALA D 117 10.94 3.31 14.07
N THR D 118 9.94 4.15 14.35
CA THR D 118 8.59 3.91 13.85
C THR D 118 8.51 4.01 12.34
N ALA D 119 9.53 4.60 11.68
CA ALA D 119 9.52 4.67 10.22
C ALA D 119 9.57 3.28 9.60
N GLY D 120 10.38 2.38 10.16
CA GLY D 120 10.41 1.02 9.66
C GLY D 120 9.09 0.29 9.85
N LEU D 121 8.45 0.50 11.00
CA LEU D 121 7.13 -0.09 11.24
C LEU D 121 6.12 0.42 10.23
N THR D 122 6.12 1.72 9.98
CA THR D 122 5.19 2.29 9.00
C THR D 122 5.48 1.75 7.60
N HIS D 123 6.76 1.59 7.26
CA HIS D 123 7.12 1.03 5.96
C HIS D 123 6.60 -0.41 5.81
N MET D 124 6.76 -1.21 6.87
CA MET D 124 6.25 -2.58 6.83
C MET D 124 4.73 -2.60 6.72
N MET D 125 4.05 -1.71 7.44
CA MET D 125 2.59 -1.62 7.34
C MET D 125 2.15 -1.23 5.94
N ILE D 126 2.87 -0.30 5.31
CA ILE D 126 2.51 0.11 3.96
C ILE D 126 2.74 -1.03 2.97
N TRP D 127 3.81 -1.81 3.18
CA TRP D 127 4.03 -2.98 2.34
C TRP D 127 2.89 -3.99 2.49
N HIS D 128 2.45 -4.23 3.72
CA HIS D 128 1.34 -5.14 3.95
C HIS D 128 0.06 -4.62 3.30
N SER D 129 -0.19 -3.32 3.42
CA SER D 129 -1.39 -2.73 2.82
C SER D 129 -1.35 -2.82 1.30
N ASN D 130 -0.19 -2.58 0.70
CA ASN D 130 -0.06 -2.71 -0.75
C ASN D 130 -0.30 -4.15 -1.19
N LEU D 131 0.23 -5.12 -0.43
CA LEU D 131 -0.03 -6.52 -0.75
C LEU D 131 -1.52 -6.84 -0.66
N ASN D 132 -2.18 -6.36 0.40
CA ASN D 132 -3.61 -6.61 0.55
C ASN D 132 -4.42 -5.98 -0.58
N ASP D 133 -4.05 -4.76 -0.97
CA ASP D 133 -4.76 -4.09 -2.05
C ASP D 133 -4.55 -4.81 -3.37
N ALA D 134 -3.33 -5.28 -3.64
CA ALA D 134 -3.06 -5.99 -4.87
C ALA D 134 -3.61 -7.40 -4.88
N THR D 135 -3.96 -7.96 -3.73
CA THR D 135 -4.44 -9.33 -3.65
C THR D 135 -5.96 -9.44 -3.58
N TYR D 136 -6.58 -8.73 -2.63
CA TYR D 136 -8.01 -8.89 -2.36
C TYR D 136 -8.77 -7.61 -2.67
N GLN D 137 -10.05 -7.77 -2.95
CA GLN D 137 -10.98 -6.65 -3.11
C GLN D 137 -11.89 -6.59 -1.90
N ARG D 138 -11.93 -5.42 -1.25
CA ARG D 138 -12.84 -5.21 -0.13
C ARG D 138 -14.10 -4.48 -0.59
N THR D 139 -14.85 -5.15 -1.46
CA THR D 139 -16.13 -4.60 -1.92
C THR D 139 -17.19 -4.72 -0.84
N ARG D 140 -17.05 -5.69 0.08
CA ARG D 140 -18.02 -5.84 1.16
C ARG D 140 -18.00 -4.64 2.08
N ALA D 141 -16.82 -4.15 2.43
CA ALA D 141 -16.73 -2.94 3.24
C ALA D 141 -17.28 -1.73 2.50
N LEU D 142 -17.09 -1.67 1.18
CA LEU D 142 -17.64 -0.57 0.39
C LEU D 142 -19.17 -0.59 0.44
N VAL D 143 -19.78 -1.72 0.12
CA VAL D 143 -21.23 -1.82 0.11
C VAL D 143 -21.82 -1.65 1.50
N ARG D 144 -21.14 -2.14 2.54
CA ARG D 144 -21.68 -2.05 3.90
C ARG D 144 -21.84 -0.62 4.35
N THR D 145 -20.87 0.23 4.05
CA THR D 145 -20.86 1.62 4.49
C THR D 145 -21.72 2.53 3.62
N GLY D 146 -22.26 2.02 2.51
CA GLY D 146 -23.15 2.77 1.66
C GLY D 146 -22.55 3.21 0.34
N MET D 147 -21.23 3.28 0.24
CA MET D 147 -20.62 3.63 -1.05
C MET D 147 -20.82 2.48 -2.03
N ASP D 148 -20.98 2.84 -3.30
CA ASP D 148 -21.20 1.78 -4.27
C ASP D 148 -19.92 0.97 -4.48
N PRO D 149 -20.04 -0.32 -4.82
CA PRO D 149 -18.85 -1.10 -5.16
C PRO D 149 -18.23 -0.71 -6.49
N ARG D 150 -18.79 0.29 -7.15
CA ARG D 150 -18.39 0.61 -8.51
C ARG D 150 -16.96 1.13 -8.57
N MET D 151 -16.54 1.89 -7.56
CA MET D 151 -15.21 2.51 -7.55
C MET D 151 -14.30 1.71 -6.62
N CYS D 152 -13.12 1.35 -7.13
CA CYS D 152 -12.10 0.69 -6.35
C CYS D 152 -10.71 1.31 -6.50
N SER D 153 -10.55 2.28 -7.40
CA SER D 153 -9.25 2.92 -7.57
C SER D 153 -8.84 3.72 -6.35
N LEU D 154 -9.80 4.34 -5.68
CA LEU D 154 -9.54 5.20 -4.53
C LEU D 154 -9.31 4.41 -3.25
N MET D 155 -9.45 3.09 -3.28
CA MET D 155 -9.32 2.26 -2.10
C MET D 155 -7.88 1.87 -1.80
N GLN D 156 -6.90 2.63 -2.31
CA GLN D 156 -5.51 2.33 -2.01
C GLN D 156 -5.20 2.59 -0.54
N GLY D 157 -4.58 1.62 0.11
CA GLY D 157 -4.27 1.73 1.52
C GLY D 157 -5.49 1.73 2.42
N SER D 158 -6.52 0.96 2.06
CA SER D 158 -7.72 0.87 2.90
C SER D 158 -7.51 -0.03 4.11
N THR D 159 -6.50 -0.90 4.07
CA THR D 159 -6.23 -1.81 5.17
C THR D 159 -5.21 -1.26 6.16
N LEU D 160 -4.73 -0.03 5.96
CA LEU D 160 -3.76 0.55 6.88
C LEU D 160 -4.44 0.91 8.19
N PRO D 161 -3.94 0.43 9.33
CA PRO D 161 -4.53 0.80 10.62
C PRO D 161 -4.24 2.26 10.95
N ARG D 162 -4.98 2.76 11.95
CA ARG D 162 -4.85 4.17 12.33
C ARG D 162 -3.50 4.49 12.93
N ARG D 163 -2.74 3.49 13.39
CA ARG D 163 -1.46 3.77 14.04
C ARG D 163 -0.39 4.24 13.06
N SER D 164 -0.66 4.18 11.75
CA SER D 164 0.28 4.72 10.78
C SER D 164 0.42 6.22 10.95
N GLY D 165 1.63 6.72 10.73
CA GLY D 165 1.92 8.14 10.88
C GLY D 165 1.41 8.96 9.72
N ALA D 166 2.10 10.07 9.45
CA ALA D 166 1.72 10.94 8.34
C ALA D 166 1.95 10.26 7.00
N ALA D 167 2.98 9.41 6.91
CA ALA D 167 3.24 8.71 5.65
C ALA D 167 2.09 7.79 5.29
N GLY D 168 1.53 7.08 6.28
CA GLY D 168 0.40 6.22 6.01
C GLY D 168 -0.82 6.99 5.55
N ALA D 169 -1.06 8.16 6.14
CA ALA D 169 -2.18 8.98 5.71
C ALA D 169 -1.95 9.54 4.31
N ALA D 170 -0.70 9.85 3.97
CA ALA D 170 -0.40 10.39 2.65
C ALA D 170 -0.51 9.31 1.57
N VAL D 171 -0.12 8.08 1.88
CA VAL D 171 -0.10 7.04 0.86
C VAL D 171 -1.50 6.48 0.62
N LYS D 172 -2.39 6.54 1.61
CA LYS D 172 -3.73 6.00 1.43
C LYS D 172 -4.55 6.88 0.51
N GLY D 173 -5.48 6.26 -0.21
CA GLY D 173 -6.24 6.96 -1.22
C GLY D 173 -7.37 7.78 -0.65
N VAL D 174 -8.04 8.50 -1.55
CA VAL D 174 -9.18 9.33 -1.16
C VAL D 174 -10.32 8.45 -0.67
N GLY D 175 -10.49 7.28 -1.29
CA GLY D 175 -11.60 6.41 -0.92
C GLY D 175 -11.53 5.93 0.52
N THR D 176 -10.32 5.64 1.01
CA THR D 176 -10.17 5.20 2.39
C THR D 176 -10.52 6.31 3.37
N MET D 177 -10.10 7.54 3.08
CA MET D 177 -10.48 8.67 3.92
C MET D 177 -11.98 8.88 3.91
N VAL D 178 -12.61 8.75 2.74
CA VAL D 178 -14.06 8.87 2.67
C VAL D 178 -14.72 7.75 3.47
N MET D 179 -14.16 6.54 3.41
CA MET D 179 -14.72 5.43 4.15
C MET D 179 -14.66 5.68 5.65
N GLU D 180 -13.54 6.20 6.13
CA GLU D 180 -13.43 6.57 7.54
C GLU D 180 -14.44 7.66 7.90
N LEU D 181 -14.60 8.65 7.02
CA LEU D 181 -15.56 9.72 7.27
C LEU D 181 -16.98 9.18 7.37
N ILE D 182 -17.36 8.28 6.47
CA ILE D 182 -18.71 7.71 6.51
C ILE D 182 -18.89 6.80 7.71
N ARG D 183 -17.83 6.11 8.14
CA ARG D 183 -17.93 5.34 9.39
C ARG D 183 -18.19 6.27 10.56
N MET D 184 -17.50 7.41 10.61
CA MET D 184 -17.76 8.40 11.64
C MET D 184 -19.20 8.91 11.57
N ILE D 185 -19.69 9.19 10.36
CA ILE D 185 -21.05 9.70 10.20
C ILE D 185 -22.08 8.66 10.63
N LYS D 186 -21.83 7.40 10.29
CA LYS D 186 -22.75 6.32 10.69
C LYS D 186 -22.79 6.18 12.20
N ARG D 187 -21.62 6.20 12.84
CA ARG D 187 -21.57 6.17 14.29
C ARG D 187 -22.25 7.39 14.90
N GLY D 188 -22.23 8.52 14.20
CA GLY D 188 -22.91 9.70 14.69
C GLY D 188 -24.42 9.64 14.54
N ILE D 189 -24.90 9.02 13.46
CA ILE D 189 -26.34 8.85 13.32
C ILE D 189 -26.84 7.78 14.30
N ASN D 190 -25.97 6.86 14.72
CA ASN D 190 -26.39 5.80 15.64
C ASN D 190 -26.84 6.38 16.97
N ASP D 191 -26.05 7.32 17.52
CA ASP D 191 -26.35 7.87 18.87
C ASP D 191 -26.23 9.39 18.90
N ARG D 192 -26.97 10.04 19.79
CA ARG D 192 -27.00 11.50 19.89
C ARG D 192 -25.94 12.06 20.83
N ASN D 193 -25.47 11.27 21.80
CA ASN D 193 -24.51 11.73 22.79
C ASN D 193 -23.11 11.92 22.23
N PHE D 194 -23.02 11.85 20.91
CA PHE D 194 -21.74 12.02 20.19
C PHE D 194 -21.48 13.52 20.04
N TRP D 195 -20.37 13.87 19.39
CA TRP D 195 -19.98 15.28 19.21
C TRP D 195 -19.97 16.04 20.54
N ARG D 196 -20.34 15.39 21.65
CA ARG D 196 -20.42 16.06 22.94
C ARG D 196 -19.78 15.18 24.00
N GLY D 197 -19.35 15.82 25.08
CA GLY D 197 -18.65 15.12 26.14
C GLY D 197 -17.16 15.07 25.92
N GLU D 198 -16.48 14.34 26.83
CA GLU D 198 -15.03 14.22 26.74
C GLU D 198 -14.61 13.51 25.45
N ASN D 199 -15.32 12.44 25.09
CA ASN D 199 -15.06 11.77 23.82
C ASN D 199 -15.43 12.65 22.64
N GLY D 200 -16.37 13.59 22.84
CA GLY D 200 -16.78 14.46 21.75
C GLY D 200 -15.65 15.34 21.25
N ARG D 201 -14.86 15.89 22.17
CA ARG D 201 -13.73 16.73 21.77
C ARG D 201 -12.71 15.92 20.97
N ARG D 202 -12.40 14.71 21.44
CA ARG D 202 -11.41 13.88 20.76
C ARG D 202 -11.90 13.47 19.38
N THR D 203 -13.16 13.07 19.26
CA THR D 203 -13.67 12.69 17.95
C THR D 203 -13.76 13.90 17.03
N ARG D 204 -14.02 15.08 17.59
CA ARG D 204 -14.06 16.28 16.76
C ARG D 204 -12.68 16.63 16.23
N ILE D 205 -11.64 16.52 17.06
CA ILE D 205 -10.30 16.84 16.54
C ILE D 205 -9.84 15.75 15.57
N ALA D 206 -10.27 14.50 15.79
CA ALA D 206 -9.96 13.44 14.83
C ALA D 206 -10.60 13.73 13.48
N TYR D 207 -11.87 14.15 13.49
CA TYR D 207 -12.55 14.57 12.26
C TYR D 207 -11.81 15.74 11.64
N GLU D 208 -11.40 16.71 12.45
CA GLU D 208 -10.62 17.84 11.96
C GLU D 208 -9.38 17.39 11.21
N ARG D 209 -8.58 16.53 11.83
CA ARG D 209 -7.31 16.13 11.23
C ARG D 209 -7.51 15.31 9.97
N MET D 210 -8.46 14.36 10.00
CA MET D 210 -8.68 13.55 8.81
C MET D 210 -9.29 14.36 7.68
N CYS D 211 -10.16 15.32 7.99
CA CYS D 211 -10.71 16.17 6.95
C CYS D 211 -9.65 17.12 6.41
N ASN D 212 -8.67 17.50 7.24
CA ASN D 212 -7.58 18.35 6.74
C ASN D 212 -6.62 17.56 5.86
N ILE D 213 -6.38 16.29 6.17
CA ILE D 213 -5.52 15.52 5.27
C ILE D 213 -6.24 15.22 3.96
N LEU D 214 -7.56 15.02 3.99
CA LEU D 214 -8.32 14.95 2.74
C LEU D 214 -8.33 16.30 2.03
N LYS D 215 -8.35 17.39 2.80
CA LYS D 215 -8.21 18.75 2.28
C LYS D 215 -6.96 18.87 1.44
N GLY D 216 -5.82 18.45 2.00
CA GLY D 216 -4.55 18.51 1.29
C GLY D 216 -4.41 17.48 0.20
N LYS D 217 -5.18 16.39 0.25
CA LYS D 217 -5.07 15.36 -0.77
C LYS D 217 -5.60 15.83 -2.12
N PHE D 218 -6.60 16.69 -2.12
CA PHE D 218 -7.33 16.98 -3.35
C PHE D 218 -6.54 17.97 -4.22
N GLN D 219 -7.01 18.17 -5.45
CA GLN D 219 -6.24 18.91 -6.45
C GLN D 219 -6.90 20.22 -6.87
N THR D 220 -8.14 20.20 -7.35
CA THR D 220 -8.72 21.41 -7.90
C THR D 220 -9.54 22.16 -6.86
N ALA D 221 -9.77 23.45 -7.13
CA ALA D 221 -10.28 24.37 -6.11
C ALA D 221 -11.73 24.10 -5.72
N ALA D 222 -12.57 23.69 -6.67
CA ALA D 222 -14.00 23.54 -6.35
C ALA D 222 -14.23 22.39 -5.37
N GLN D 223 -13.63 21.24 -5.64
CA GLN D 223 -13.76 20.11 -4.73
C GLN D 223 -13.07 20.38 -3.39
N ARG D 224 -11.99 21.15 -3.40
CA ARG D 224 -11.38 21.59 -2.14
C ARG D 224 -12.36 22.44 -1.34
N THR D 225 -13.05 23.37 -2.01
CA THR D 225 -14.05 24.17 -1.32
C THR D 225 -15.17 23.30 -0.78
N MET D 226 -15.57 22.27 -1.55
CA MET D 226 -16.63 21.39 -1.10
C MET D 226 -16.24 20.63 0.16
N VAL D 227 -15.00 20.10 0.19
CA VAL D 227 -14.59 19.38 1.39
C VAL D 227 -14.47 20.34 2.57
N ASP D 228 -14.04 21.57 2.32
CA ASP D 228 -14.01 22.57 3.39
C ASP D 228 -15.42 22.81 3.94
N GLN D 229 -16.41 22.96 3.06
CA GLN D 229 -17.76 23.22 3.54
C GLN D 229 -18.34 22.04 4.32
N VAL D 230 -18.14 20.80 3.84
CA VAL D 230 -18.66 19.68 4.61
C VAL D 230 -17.92 19.57 5.94
N ARG D 231 -16.67 20.03 5.99
CA ARG D 231 -15.99 20.16 7.27
C ARG D 231 -16.69 21.16 8.18
N GLU D 232 -17.16 22.29 7.62
CA GLU D 232 -17.72 23.34 8.46
C GLU D 232 -18.90 22.86 9.29
N SER D 233 -19.60 21.82 8.84
CA SER D 233 -20.78 21.34 9.56
C SER D 233 -20.40 20.86 10.96
N ARG D 234 -21.07 21.41 11.97
CA ARG D 234 -20.78 21.03 13.35
C ARG D 234 -21.27 19.62 13.65
N ASN D 235 -22.49 19.30 13.24
CA ASN D 235 -23.09 17.99 13.48
C ASN D 235 -23.54 17.42 12.13
N PRO D 236 -22.61 16.92 11.32
CA PRO D 236 -22.97 16.44 9.99
C PRO D 236 -23.90 15.23 10.02
N GLY D 237 -24.73 15.14 8.97
CA GLY D 237 -25.71 14.09 8.85
C GLY D 237 -25.91 13.53 7.45
N ASN D 238 -27.17 13.37 7.04
CA ASN D 238 -27.48 12.63 5.82
C ASN D 238 -27.18 13.44 4.55
N ALA D 239 -27.47 14.73 4.55
CA ALA D 239 -27.23 15.54 3.35
C ALA D 239 -25.74 15.58 3.03
N GLU D 240 -24.91 15.85 4.02
CA GLU D 240 -23.47 15.83 3.81
C GLU D 240 -22.91 14.41 3.81
N PHE D 241 -23.69 13.42 4.26
CA PHE D 241 -23.41 12.03 3.90
C PHE D 241 -23.39 11.88 2.38
N GLU D 242 -24.45 12.34 1.71
CA GLU D 242 -24.47 12.27 0.25
C GLU D 242 -23.42 13.21 -0.35
N ASP D 243 -23.12 14.31 0.34
CA ASP D 243 -22.06 15.21 -0.13
C ASP D 243 -20.71 14.50 -0.18
N LEU D 244 -20.39 13.73 0.87
CA LEU D 244 -19.15 12.97 0.88
C LEU D 244 -19.18 11.85 -0.14
N ILE D 245 -20.35 11.22 -0.33
CA ILE D 245 -20.46 10.22 -1.40
C ILE D 245 -20.15 10.85 -2.76
N PHE D 246 -20.68 12.04 -3.01
CA PHE D 246 -20.40 12.73 -4.27
C PHE D 246 -18.93 13.14 -4.36
N LEU D 247 -18.34 13.57 -3.25
CA LEU D 247 -16.94 13.99 -3.26
C LEU D 247 -16.01 12.83 -3.61
N ALA D 248 -16.26 11.66 -3.01
CA ALA D 248 -15.52 10.48 -3.44
C ALA D 248 -15.87 10.10 -4.88
N ARG D 249 -17.12 10.35 -5.27
CA ARG D 249 -17.58 10.06 -6.62
C ARG D 249 -16.83 10.91 -7.64
N SER D 250 -16.60 12.18 -7.32
CA SER D 250 -15.88 13.08 -8.22
C SER D 250 -14.40 12.76 -8.32
N ALA D 251 -13.85 12.02 -7.35
CA ALA D 251 -12.43 11.69 -7.38
C ALA D 251 -12.07 10.73 -8.51
N LEU D 252 -13.06 10.03 -9.08
CA LEU D 252 -12.77 9.15 -10.21
C LEU D 252 -12.40 9.95 -11.46
N ILE D 253 -12.85 11.18 -11.56
CA ILE D 253 -12.61 12.02 -12.73
C ILE D 253 -11.53 13.07 -12.46
N LEU D 254 -11.67 13.82 -11.37
CA LEU D 254 -10.61 14.70 -10.87
C LEU D 254 -10.05 14.09 -9.61
N ARG D 255 -8.96 13.34 -9.75
CA ARG D 255 -8.38 12.66 -8.60
C ARG D 255 -7.54 13.60 -7.76
N GLY D 256 -7.34 13.20 -6.50
CA GLY D 256 -6.42 13.90 -5.62
C GLY D 256 -5.01 13.38 -5.77
N SER D 257 -4.12 13.95 -4.96
CA SER D 257 -2.71 13.56 -4.97
C SER D 257 -2.50 12.46 -3.94
N VAL D 258 -2.26 11.25 -4.43
CA VAL D 258 -2.06 10.08 -3.58
C VAL D 258 -0.63 9.59 -3.79
N ALA D 259 0.12 9.47 -2.70
CA ALA D 259 1.52 9.07 -2.80
C ALA D 259 1.63 7.60 -3.17
N HIS D 260 2.67 7.30 -3.96
CA HIS D 260 2.94 5.89 -4.37
C HIS D 260 4.39 5.58 -4.00
N LYS D 261 4.62 4.56 -3.19
CA LYS D 261 5.94 4.21 -2.69
C LYS D 261 6.25 2.75 -2.97
N SER D 262 7.54 2.45 -3.13
CA SER D 262 8.01 1.08 -3.36
C SER D 262 8.43 0.52 -2.02
N CYS D 263 7.49 -0.15 -1.35
CA CYS D 263 7.74 -0.77 -0.05
C CYS D 263 8.03 -2.26 -0.28
N LEU D 264 9.31 -2.60 -0.31
CA LEU D 264 9.75 -3.97 -0.52
C LEU D 264 9.58 -4.79 0.76
N PRO D 265 9.46 -6.11 0.64
CA PRO D 265 9.38 -6.95 1.84
C PRO D 265 10.70 -6.98 2.59
N ALA D 266 10.63 -7.34 3.86
CA ALA D 266 11.82 -7.39 4.70
C ALA D 266 12.82 -8.42 4.21
N CYS D 267 12.39 -9.39 3.42
CA CYS D 267 13.31 -10.39 2.88
C CYS D 267 14.34 -9.74 1.95
N VAL D 268 13.90 -8.84 1.08
CA VAL D 268 14.82 -8.20 0.14
C VAL D 268 15.83 -7.34 0.89
N TYR D 269 15.37 -6.57 1.89
CA TYR D 269 16.28 -5.75 2.67
C TYR D 269 17.27 -6.62 3.45
N GLY D 270 16.79 -7.73 4.02
CA GLY D 270 17.69 -8.62 4.74
C GLY D 270 18.75 -9.23 3.84
N SER D 271 18.35 -9.65 2.63
CA SER D 271 19.32 -10.18 1.69
C SER D 271 20.32 -9.11 1.26
N ALA D 272 19.85 -7.89 1.04
CA ALA D 272 20.74 -6.79 0.65
C ALA D 272 21.76 -6.49 1.74
N VAL D 273 21.32 -6.47 3.00
CA VAL D 273 22.23 -6.21 4.10
C VAL D 273 23.21 -7.38 4.26
N ALA D 274 22.72 -8.61 4.09
CA ALA D 274 23.61 -9.77 4.14
C ALA D 274 24.66 -9.73 3.04
N SER D 275 24.34 -9.12 1.91
CA SER D 275 25.33 -8.97 0.83
C SER D 275 26.37 -7.90 1.14
N GLY D 276 26.18 -7.11 2.19
CA GLY D 276 27.10 -6.08 2.56
C GLY D 276 26.72 -4.67 2.14
N TYR D 277 25.57 -4.50 1.49
CA TYR D 277 25.13 -3.18 1.07
C TYR D 277 24.79 -2.33 2.29
N ASP D 278 25.33 -1.12 2.33
CA ASP D 278 25.08 -0.17 3.41
C ASP D 278 24.30 0.99 2.83
N PHE D 279 23.02 1.09 3.19
CA PHE D 279 22.17 2.14 2.67
C PHE D 279 22.38 3.48 3.36
N GLU D 280 23.13 3.51 4.47
CA GLU D 280 23.39 4.77 5.15
C GLU D 280 24.23 5.70 4.28
N ARG D 281 25.27 5.16 3.63
CA ARG D 281 26.15 5.99 2.82
C ARG D 281 25.59 6.15 1.40
N GLU D 282 25.17 5.05 0.79
CA GLU D 282 24.67 5.10 -0.58
C GLU D 282 23.32 5.80 -0.68
N GLY D 283 22.55 5.85 0.42
CA GLY D 283 21.25 6.48 0.38
C GLY D 283 20.18 5.56 -0.19
N TYR D 284 18.96 6.07 -0.20
CA TYR D 284 17.82 5.32 -0.70
C TYR D 284 16.73 6.31 -1.10
N SER D 285 15.75 5.81 -1.86
CA SER D 285 14.63 6.63 -2.28
C SER D 285 13.48 5.70 -2.64
N LEU D 286 12.34 5.85 -1.96
CA LEU D 286 11.20 4.99 -2.20
C LEU D 286 10.56 5.23 -3.57
N VAL D 287 10.87 6.34 -4.23
CA VAL D 287 10.34 6.65 -5.55
C VAL D 287 11.41 6.63 -6.63
N GLY D 288 12.67 6.42 -6.28
CA GLY D 288 13.76 6.43 -7.23
C GLY D 288 14.04 5.08 -7.83
N ILE D 289 15.24 4.96 -8.39
CA ILE D 289 15.63 3.71 -9.04
C ILE D 289 16.03 2.66 -8.01
N ASP D 290 16.39 3.07 -6.80
CA ASP D 290 16.96 2.16 -5.82
C ASP D 290 16.12 0.92 -5.54
N PRO D 291 14.81 1.00 -5.31
CA PRO D 291 14.04 -0.25 -5.12
C PRO D 291 14.01 -1.13 -6.35
N PHE D 292 13.92 -0.54 -7.54
CA PHE D 292 13.95 -1.33 -8.76
C PHE D 292 15.26 -2.07 -8.92
N ARG D 293 16.38 -1.38 -8.67
CA ARG D 293 17.69 -2.02 -8.76
C ARG D 293 17.85 -3.09 -7.70
N LEU D 294 17.33 -2.83 -6.49
CA LEU D 294 17.40 -3.82 -5.43
C LEU D 294 16.64 -5.08 -5.80
N LEU D 295 15.45 -4.92 -6.38
CA LEU D 295 14.68 -6.07 -6.84
C LEU D 295 15.35 -6.74 -8.04
N GLN D 296 16.12 -5.98 -8.82
CA GLN D 296 16.78 -6.53 -10.00
C GLN D 296 17.79 -7.61 -9.62
N ASN D 297 18.55 -7.38 -8.56
CA ASN D 297 19.60 -8.30 -8.13
C ASN D 297 19.27 -8.98 -6.81
N SER D 298 18.00 -9.32 -6.60
CA SER D 298 17.58 -10.04 -5.40
C SER D 298 16.72 -11.23 -5.81
N GLN D 299 16.82 -12.31 -5.04
CA GLN D 299 16.06 -13.53 -5.29
C GLN D 299 15.16 -13.80 -4.10
N VAL D 300 13.88 -14.07 -4.38
CA VAL D 300 12.88 -14.36 -3.35
C VAL D 300 12.12 -15.61 -3.77
N TYR D 301 11.95 -16.54 -2.84
CA TYR D 301 11.21 -17.77 -3.07
C TYR D 301 9.87 -17.72 -2.34
N SER D 302 8.86 -18.34 -2.93
CA SER D 302 7.51 -18.33 -2.38
C SER D 302 6.90 -19.72 -2.48
N LEU D 303 5.98 -19.99 -1.57
CA LEU D 303 5.23 -21.24 -1.60
C LEU D 303 4.16 -21.18 -2.68
N ILE D 304 4.06 -22.24 -3.48
CA ILE D 304 3.13 -22.30 -4.59
C ILE D 304 2.11 -23.40 -4.30
N ARG D 305 0.83 -23.04 -4.31
CA ARG D 305 -0.22 -24.02 -4.13
C ARG D 305 -0.33 -24.91 -5.34
N PRO D 306 -0.95 -26.09 -5.20
CA PRO D 306 -1.19 -26.94 -6.37
C PRO D 306 -1.98 -26.20 -7.44
N ASN D 307 -1.86 -26.72 -8.67
CA ASN D 307 -2.46 -26.17 -9.90
C ASN D 307 -2.58 -24.65 -9.85
N GLU D 308 -1.42 -24.02 -9.65
CA GLU D 308 -1.30 -22.57 -9.63
C GLU D 308 -0.10 -22.15 -10.46
N ASN D 309 -0.17 -20.95 -11.04
CA ASN D 309 0.86 -20.47 -11.94
C ASN D 309 1.87 -19.64 -11.17
N PRO D 310 3.15 -20.01 -11.14
CA PRO D 310 4.15 -19.16 -10.49
C PRO D 310 4.28 -17.78 -11.12
N ALA D 311 4.07 -17.67 -12.43
CA ALA D 311 4.18 -16.38 -13.09
C ALA D 311 3.14 -15.39 -12.58
N HIS D 312 1.89 -15.85 -12.39
CA HIS D 312 0.84 -14.98 -11.90
C HIS D 312 1.12 -14.52 -10.47
N LYS D 313 1.60 -15.43 -9.61
CA LYS D 313 1.94 -15.04 -8.25
C LYS D 313 3.11 -14.06 -8.24
N SER D 314 4.09 -14.27 -9.11
CA SER D 314 5.20 -13.33 -9.20
C SER D 314 4.73 -11.96 -9.66
N GLN D 315 3.81 -11.92 -10.63
CA GLN D 315 3.27 -10.64 -11.07
C GLN D 315 2.50 -9.95 -9.95
N LEU D 316 1.72 -10.70 -9.18
CA LEU D 316 1.00 -10.13 -8.05
C LEU D 316 1.96 -9.57 -7.01
N VAL D 317 3.02 -10.31 -6.70
CA VAL D 317 4.00 -9.85 -5.73
C VAL D 317 4.71 -8.60 -6.23
N TRP D 318 5.05 -8.57 -7.52
CA TRP D 318 5.72 -7.41 -8.10
C TRP D 318 4.82 -6.17 -8.04
N MET D 319 3.54 -6.32 -8.38
CA MET D 319 2.63 -5.18 -8.32
C MET D 319 2.42 -4.72 -6.89
N ALA D 320 2.33 -5.66 -5.95
CA ALA D 320 2.23 -5.28 -4.54
C ALA D 320 3.48 -4.52 -4.09
N CYS D 321 4.65 -4.97 -4.53
CA CYS D 321 5.90 -4.30 -4.16
C CYS D 321 5.96 -2.88 -4.71
N HIS D 322 5.55 -2.70 -5.96
CA HIS D 322 5.62 -1.40 -6.61
C HIS D 322 4.32 -0.61 -6.52
N SER D 323 3.34 -1.11 -5.79
CA SER D 323 2.05 -0.43 -5.61
C SER D 323 1.38 -0.11 -6.94
N ALA D 324 1.46 -1.06 -7.88
CA ALA D 324 0.84 -0.93 -9.19
C ALA D 324 -0.47 -1.70 -9.29
N ALA D 325 -1.19 -1.83 -8.16
CA ALA D 325 -2.45 -2.56 -8.18
C ALA D 325 -3.50 -1.86 -9.06
N PHE D 326 -3.58 -0.53 -8.98
CA PHE D 326 -4.51 0.24 -9.77
C PHE D 326 -3.86 0.95 -10.94
N GLU D 327 -2.60 0.60 -11.22
CA GLU D 327 -1.86 1.23 -12.35
C GLU D 327 -2.37 0.67 -13.68
N ASP D 328 -2.30 1.48 -14.75
CA ASP D 328 -2.74 1.05 -16.06
C ASP D 328 -2.03 -0.24 -16.48
N LEU D 329 -2.81 -1.15 -17.05
CA LEU D 329 -2.26 -2.46 -17.44
C LEU D 329 -1.20 -2.31 -18.52
N ARG D 330 -1.44 -1.42 -19.48
CA ARG D 330 -0.49 -1.25 -20.58
C ARG D 330 0.85 -0.69 -20.10
N VAL D 331 0.81 0.35 -19.27
CA VAL D 331 2.06 0.94 -18.79
C VAL D 331 2.77 -0.02 -17.84
N SER D 332 1.99 -0.78 -17.04
CA SER D 332 2.60 -1.77 -16.17
C SER D 332 3.30 -2.86 -16.98
N SER D 333 2.67 -3.33 -18.05
CA SER D 333 3.30 -4.33 -18.91
C SER D 333 4.54 -3.76 -19.59
N PHE D 334 4.47 -2.50 -20.02
CA PHE D 334 5.62 -1.87 -20.66
C PHE D 334 6.79 -1.74 -19.69
N ILE D 335 6.52 -1.36 -18.44
CA ILE D 335 7.58 -1.20 -17.45
C ILE D 335 8.16 -2.57 -17.09
N ARG D 336 7.30 -3.55 -16.82
CA ARG D 336 7.79 -4.87 -16.47
C ARG D 336 8.42 -5.59 -17.66
N GLY D 337 7.94 -5.31 -18.87
CA GLY D 337 8.40 -6.00 -20.05
C GLY D 337 7.64 -7.25 -20.39
N THR D 338 6.75 -7.70 -19.52
CA THR D 338 5.90 -8.85 -19.77
C THR D 338 4.46 -8.43 -19.56
N LYS D 339 3.56 -8.91 -20.42
CA LYS D 339 2.17 -8.49 -20.39
C LYS D 339 1.54 -8.90 -19.06
N VAL D 340 0.94 -7.94 -18.38
CA VAL D 340 0.43 -8.12 -17.02
C VAL D 340 -0.99 -8.66 -17.09
N VAL D 341 -1.24 -9.73 -16.34
CA VAL D 341 -2.55 -10.38 -16.34
C VAL D 341 -3.42 -9.68 -15.29
N PRO D 342 -4.60 -9.18 -15.67
CA PRO D 342 -5.50 -8.59 -14.67
C PRO D 342 -6.01 -9.63 -13.69
N ARG D 343 -6.62 -9.13 -12.61
CA ARG D 343 -7.02 -10.00 -11.51
C ARG D 343 -8.06 -11.03 -11.94
N GLY D 344 -8.81 -10.74 -13.01
CA GLY D 344 -9.86 -11.66 -13.41
C GLY D 344 -9.35 -13.03 -13.81
N LYS D 345 -8.27 -13.07 -14.58
CA LYS D 345 -7.70 -14.33 -15.04
C LYS D 345 -6.40 -14.70 -14.32
N LEU D 346 -6.15 -14.13 -13.15
CA LEU D 346 -5.03 -14.55 -12.31
C LEU D 346 -5.36 -15.90 -11.70
N SER D 347 -4.60 -16.92 -12.10
CA SER D 347 -4.83 -18.28 -11.61
C SER D 347 -4.01 -18.55 -10.35
N THR D 348 -4.22 -17.70 -9.34
CA THR D 348 -3.51 -17.83 -8.09
C THR D 348 -4.34 -17.20 -6.98
N ARG D 349 -4.23 -17.77 -5.79
CA ARG D 349 -4.85 -17.21 -4.60
C ARG D 349 -3.86 -16.29 -3.90
N GLY D 350 -4.18 -15.89 -2.67
CA GLY D 350 -3.30 -15.01 -1.93
C GLY D 350 -1.98 -15.67 -1.58
N VAL D 351 -0.97 -14.82 -1.37
CA VAL D 351 0.35 -15.31 -1.03
C VAL D 351 0.37 -15.99 0.34
N GLN D 352 -0.42 -15.50 1.29
CA GLN D 352 -0.50 -16.12 2.61
C GLN D 352 -1.10 -17.51 2.51
N ILE D 353 -0.60 -18.43 3.33
CA ILE D 353 -1.10 -19.80 3.39
C ILE D 353 -1.89 -19.95 4.68
N ALA D 354 -3.15 -20.35 4.56
CA ALA D 354 -4.03 -20.43 5.71
C ALA D 354 -3.65 -21.61 6.60
N SER D 355 -4.16 -21.58 7.84
CA SER D 355 -3.89 -22.66 8.78
C SER D 355 -4.52 -23.97 8.31
N ASN D 356 -5.75 -23.90 7.78
CA ASN D 356 -6.45 -25.10 7.32
C ASN D 356 -6.02 -25.46 5.90
N GLU D 357 -4.73 -25.73 5.75
CA GLU D 357 -4.15 -26.13 4.47
C GLU D 357 -3.24 -27.33 4.69
N ASN D 358 -3.09 -28.13 3.65
CA ASN D 358 -2.33 -29.37 3.72
C ASN D 358 -0.85 -29.07 3.44
N MET D 359 0.02 -29.58 4.29
CA MET D 359 1.47 -29.47 4.10
C MET D 359 2.03 -30.70 3.37
N GLU D 360 1.38 -31.08 2.27
CA GLU D 360 1.83 -32.21 1.47
C GLU D 360 1.80 -31.97 -0.03
N THR D 361 1.08 -30.97 -0.53
CA THR D 361 0.98 -30.71 -1.96
C THR D 361 1.49 -29.33 -2.35
N MET D 362 2.34 -28.71 -1.54
CA MET D 362 2.83 -27.36 -1.79
C MET D 362 4.27 -27.42 -2.28
N GLU D 363 4.57 -26.56 -3.27
CA GLU D 363 5.91 -26.48 -3.86
C GLU D 363 6.40 -25.04 -3.78
N SER D 364 7.72 -24.89 -3.87
CA SER D 364 8.37 -23.60 -3.79
C SER D 364 8.92 -23.20 -5.16
N SER D 365 8.68 -21.95 -5.55
CA SER D 365 9.14 -21.42 -6.82
C SER D 365 9.76 -20.04 -6.63
N THR D 366 10.71 -19.71 -7.50
CA THR D 366 11.31 -18.39 -7.46
C THR D 366 10.36 -17.34 -8.01
N LEU D 367 10.36 -16.17 -7.39
CA LEU D 367 9.53 -15.06 -7.84
C LEU D 367 10.31 -14.22 -8.85
N GLU D 368 9.76 -14.08 -10.06
CA GLU D 368 10.42 -13.32 -11.11
C GLU D 368 10.07 -11.85 -10.95
N LEU D 369 10.74 -11.21 -9.99
CA LEU D 369 10.57 -9.78 -9.72
C LEU D 369 11.58 -8.95 -10.51
N ARG D 370 11.64 -9.17 -11.82
CA ARG D 370 12.53 -8.44 -12.71
C ARG D 370 11.71 -7.66 -13.72
N SER D 371 12.06 -6.39 -13.90
CA SER D 371 11.34 -5.50 -14.81
C SER D 371 12.30 -4.99 -15.88
N ARG D 372 11.82 -4.96 -17.12
CA ARG D 372 12.64 -4.46 -18.22
C ARG D 372 12.95 -2.98 -18.03
N TYR D 373 11.96 -2.19 -17.64
CA TYR D 373 12.10 -0.76 -17.46
C TYR D 373 11.85 -0.38 -16.00
N TRP D 374 12.32 0.81 -15.64
CA TRP D 374 12.07 1.37 -14.32
C TRP D 374 11.57 2.80 -14.48
N ALA D 375 10.65 3.20 -13.61
CA ALA D 375 10.06 4.52 -13.66
C ALA D 375 9.97 5.10 -12.25
N ILE D 376 9.92 6.42 -12.19
CA ILE D 376 9.79 7.13 -10.92
C ILE D 376 8.32 7.24 -10.55
N ARG D 377 7.98 6.82 -9.35
CA ARG D 377 6.60 6.90 -8.88
C ARG D 377 6.20 8.35 -8.67
N THR D 378 4.98 8.69 -9.08
CA THR D 378 4.45 10.03 -8.96
C THR D 378 3.33 10.05 -7.93
N ARG D 379 3.31 11.10 -7.11
CA ARG D 379 2.29 11.28 -6.09
C ARG D 379 1.14 12.17 -6.56
N SER D 380 1.13 12.53 -7.85
CA SER D 380 0.09 13.40 -8.39
C SER D 380 -1.18 12.62 -8.70
N GLY D 381 -2.15 13.27 -9.33
CA GLY D 381 -3.39 12.62 -9.68
C GLY D 381 -3.65 12.65 -11.18
N GLY D 382 -3.02 13.58 -11.88
CA GLY D 382 -3.17 13.71 -13.32
C GLY D 382 -3.62 15.11 -13.68
N ASN D 383 -3.40 15.50 -14.93
CA ASN D 383 -3.81 16.81 -15.39
C ASN D 383 -5.33 16.91 -15.42
N THR D 384 -5.86 18.01 -14.88
CA THR D 384 -7.30 18.24 -14.84
C THR D 384 -7.73 19.60 -15.38
N ASN D 385 -6.86 20.62 -15.34
CA ASN D 385 -7.12 22.00 -15.78
C ASN D 385 -8.58 22.38 -16.02
N ASP D 427 -24.16 26.15 -8.21
CA ASP D 427 -23.27 26.06 -7.06
C ASP D 427 -21.97 25.35 -7.43
N MET D 428 -21.16 25.06 -6.41
CA MET D 428 -19.89 24.37 -6.64
C MET D 428 -20.10 22.94 -7.11
N ARG D 429 -21.24 22.33 -6.76
CA ARG D 429 -21.53 20.99 -7.27
C ARG D 429 -21.69 21.01 -8.79
N THR D 430 -22.40 22.00 -9.32
CA THR D 430 -22.54 22.13 -10.76
C THR D 430 -21.20 22.42 -11.42
N GLU D 431 -20.38 23.24 -10.78
CA GLU D 431 -19.04 23.51 -11.32
C GLU D 431 -18.20 22.24 -11.35
N ILE D 432 -18.28 21.42 -10.30
CA ILE D 432 -17.54 20.16 -10.29
C ILE D 432 -18.05 19.23 -11.37
N ILE D 433 -19.39 19.16 -11.54
CA ILE D 433 -19.96 18.33 -12.59
C ILE D 433 -19.51 18.79 -13.96
N ARG D 434 -19.47 20.11 -14.17
CA ARG D 434 -19.06 20.65 -15.46
C ARG D 434 -17.63 20.27 -15.79
N LEU D 435 -16.78 20.12 -14.76
CA LEU D 435 -15.39 19.74 -14.99
C LEU D 435 -15.29 18.33 -15.54
N MET D 436 -16.12 17.41 -15.05
CA MET D 436 -16.09 16.04 -15.56
C MET D 436 -16.48 16.00 -17.02
N GLU D 437 -17.36 16.90 -17.46
CA GLU D 437 -17.83 16.90 -18.83
C GLU D 437 -16.69 17.15 -19.81
N SER D 438 -15.73 18.01 -19.43
CA SER D 438 -14.68 18.41 -20.35
C SER D 438 -13.72 17.28 -20.68
N ALA D 439 -13.48 16.37 -19.74
CA ALA D 439 -12.45 15.35 -19.90
C ALA D 439 -12.75 14.44 -21.10
N ARG D 440 -11.74 14.23 -21.93
CA ARG D 440 -11.81 13.41 -23.14
C ARG D 440 -10.75 12.31 -23.06
N PRO D 441 -10.99 11.09 -23.59
CA PRO D 441 -10.03 10.00 -23.42
C PRO D 441 -8.70 10.21 -24.17
N GLU D 442 -8.18 11.45 -24.15
CA GLU D 442 -6.92 11.71 -24.82
C GLU D 442 -5.99 12.65 -24.07
N ASP D 443 -6.38 13.19 -22.92
CA ASP D 443 -5.52 14.14 -22.24
C ASP D 443 -4.26 13.43 -21.76
N VAL D 444 -3.10 14.01 -22.09
CA VAL D 444 -1.82 13.41 -21.81
C VAL D 444 -1.23 14.10 -20.58
N SER D 445 -1.23 13.40 -19.46
CA SER D 445 -0.59 13.88 -18.25
C SER D 445 0.87 13.46 -18.25
N PHE D 446 1.67 14.15 -17.44
CA PHE D 446 3.11 13.90 -17.33
C PHE D 446 3.79 13.99 -18.69
N GLN D 447 3.47 15.08 -19.41
CA GLN D 447 4.02 15.28 -20.75
C GLN D 447 5.54 15.35 -20.70
N GLY D 448 6.19 14.59 -21.57
CA GLY D 448 7.63 14.53 -21.61
C GLY D 448 8.26 13.64 -20.55
N ARG D 449 7.45 13.00 -19.71
CA ARG D 449 7.95 12.16 -18.61
C ARG D 449 7.73 10.71 -19.03
N GLY D 450 8.82 10.03 -19.39
CA GLY D 450 8.77 8.64 -19.79
C GLY D 450 9.37 7.70 -18.78
N VAL D 451 9.69 6.49 -19.25
CA VAL D 451 10.39 5.50 -18.44
C VAL D 451 11.86 5.57 -18.79
N PHE D 452 12.68 4.94 -17.97
CA PHE D 452 14.13 4.97 -18.13
C PHE D 452 14.71 3.57 -18.05
N GLU D 453 15.81 3.37 -18.75
CA GLU D 453 16.53 2.10 -18.72
C GLU D 453 17.19 1.92 -17.36
N LEU D 454 17.32 0.66 -16.93
CA LEU D 454 17.96 0.37 -15.65
C LEU D 454 19.37 0.91 -15.58
N SER D 455 20.09 0.90 -16.71
CA SER D 455 21.43 1.49 -16.74
C SER D 455 21.37 3.00 -16.60
N ASP D 456 20.24 3.61 -16.94
CA ASP D 456 20.04 5.06 -16.81
C ASP D 456 19.62 5.36 -15.37
N GLU D 457 20.61 5.41 -14.48
CA GLU D 457 20.35 5.59 -13.06
C GLU D 457 19.95 7.01 -12.68
N LYS D 458 20.24 8.01 -13.52
CA LYS D 458 19.89 9.39 -13.23
C LYS D 458 18.77 9.89 -14.13
N ALA D 459 18.28 9.03 -15.03
CA ALA D 459 17.16 9.35 -15.93
C ALA D 459 17.51 10.43 -16.94
N THR D 460 18.58 10.20 -17.71
CA THR D 460 18.94 11.13 -18.77
C THR D 460 17.90 11.13 -19.89
N SER D 461 17.54 9.95 -20.39
CA SER D 461 16.71 9.83 -21.58
C SER D 461 15.41 9.08 -21.29
N PRO D 462 14.30 9.78 -21.17
CA PRO D 462 13.01 9.09 -21.02
C PRO D 462 12.62 8.38 -22.31
N ILE D 463 11.81 7.33 -22.15
CA ILE D 463 11.30 6.56 -23.27
C ILE D 463 9.79 6.79 -23.37
N VAL D 464 9.34 7.19 -24.55
CA VAL D 464 7.94 7.52 -24.78
C VAL D 464 7.22 6.24 -25.20
N PRO D 465 6.24 5.76 -24.43
CA PRO D 465 5.48 4.58 -24.85
C PRO D 465 4.44 4.93 -25.89
N SER D 466 4.18 3.96 -26.77
CA SER D 466 3.19 4.10 -27.82
C SER D 466 2.04 3.13 -27.56
N PHE D 467 0.83 3.65 -27.51
CA PHE D 467 -0.35 2.82 -27.25
C PHE D 467 -1.40 3.01 -28.33
N GLU D 472 -6.86 -2.71 -25.94
CA GLU D 472 -6.64 -3.85 -25.05
C GLU D 472 -7.17 -3.56 -23.65
N GLY D 473 -7.09 -4.57 -22.77
CA GLY D 473 -7.50 -4.38 -21.40
C GLY D 473 -6.62 -3.39 -20.68
N SER D 474 -7.22 -2.62 -19.78
CA SER D 474 -6.49 -1.56 -19.08
C SER D 474 -6.81 -1.46 -17.59
N TYR D 475 -7.66 -2.33 -17.05
CA TYR D 475 -8.08 -2.24 -15.66
C TYR D 475 -7.77 -3.56 -14.97
N PHE D 476 -7.09 -3.49 -13.83
CA PHE D 476 -6.73 -4.71 -13.11
C PHE D 476 -7.97 -5.41 -12.57
N PHE D 477 -8.84 -4.67 -11.89
CA PHE D 477 -10.06 -5.22 -11.33
C PHE D 477 -11.24 -5.03 -12.28
N GLY D 478 -11.08 -5.49 -13.52
CA GLY D 478 -12.12 -5.35 -14.52
C GLY D 478 -12.53 -6.66 -15.17
#